data_6ALZ
#
_entry.id   6ALZ
#
_cell.length_a   66.199
_cell.length_b   78.855
_cell.length_c   133.779
_cell.angle_alpha   90.00
_cell.angle_beta   90.00
_cell.angle_gamma   90.00
#
_symmetry.space_group_name_H-M   'P 21 21 21'
#
loop_
_entity.id
_entity.type
_entity.pdbx_description
1 polymer 'Serine/threonine-protein phosphatase PP1-alpha catalytic subunit'
2 non-polymer 'MANGANESE (II) ION'
3 non-polymer '(2Z)-2-[(1R)-3-{[(2R,3S,4R,7S,8S,11S,13R,16E)-17-ethyl-4,8-dihydroxy-3,7,11,13-tetramethyl-6,15-dioxononadeca-16,18-dien-2-yl]oxy}-1-hydroxy-3-oxopropyl]-3-methylbut-2-enedioic acid'
4 non-polymer 'DIMETHYL SULFOXIDE'
5 non-polymer 'CHLORIDE ION'
6 water water
#
_entity_poly.entity_id   1
_entity_poly.type   'polypeptide(L)'
_entity_poly.pdbx_seq_one_letter_code
;GHMGSLNLDSIIGRLLEVQGSRPGKNVQLTENEIRGLCLKSREIFLSQPILLELEAPLKICGDIHGQYYDLLRLFEYGGF
PPESNYLFLGDYVDRGKQSLETICLLLAYKIKYPENFFLLRGNHECASINRIYGFYDECKRRYNIKLWKTFTDCFNCLPI
AAIVDEKIFCCHGGLSPDLQSMEQIRRIMRPTDVPDQGLLCDLLWSDPDKDVQGWGENDRGVSFTFGAEVVAKFLHKHDL
DLICRAHQVVEDGYEFFAKRQLVTLFSAPNYCGEFDNAGAMMSVDETLMCSFQILKPAD
;
_entity_poly.pdbx_strand_id   A,B
#
# COMPACT_ATOMS: atom_id res chain seq x y z
N LEU A 6 -8.97 15.14 -34.04
CA LEU A 6 -8.10 14.80 -32.92
C LEU A 6 -7.80 13.30 -32.88
N ASN A 7 -6.60 12.92 -33.32
CA ASN A 7 -6.18 11.52 -33.31
C ASN A 7 -5.70 11.19 -31.90
N LEU A 8 -6.66 10.88 -31.04
CA LEU A 8 -6.38 10.66 -29.62
C LEU A 8 -5.48 9.45 -29.41
N ASP A 9 -5.72 8.36 -30.16
CA ASP A 9 -4.94 7.14 -29.96
C ASP A 9 -3.50 7.33 -30.45
N SER A 10 -3.30 8.05 -31.55
CA SER A 10 -1.94 8.36 -32.00
C SER A 10 -1.22 9.22 -30.98
N ILE A 11 -1.93 10.18 -30.38
CA ILE A 11 -1.32 11.04 -29.36
C ILE A 11 -0.93 10.20 -28.14
N ILE A 12 -1.83 9.35 -27.68
CA ILE A 12 -1.54 8.49 -26.53
C ILE A 12 -0.40 7.52 -26.86
N GLY A 13 -0.44 6.96 -28.07
CA GLY A 13 0.61 6.02 -28.46
C GLY A 13 1.99 6.65 -28.47
N ARG A 14 2.09 7.88 -28.99
CA ARG A 14 3.37 8.57 -29.01
C ARG A 14 3.85 8.91 -27.59
N LEU A 15 2.92 9.15 -26.67
CA LEU A 15 3.29 9.52 -25.31
C LEU A 15 3.79 8.32 -24.51
N LEU A 16 3.16 7.15 -24.70
CA LEU A 16 3.59 5.94 -24.02
C LEU A 16 4.77 5.27 -24.69
N GLU A 17 5.18 5.76 -25.85
CA GLU A 17 6.23 5.10 -26.62
C GLU A 17 7.58 5.15 -25.92
N VAL A 18 7.82 6.15 -25.09
CA VAL A 18 9.12 6.33 -24.45
C VAL A 18 9.23 5.49 -23.19
N GLN A 19 8.27 4.59 -22.98
CA GLN A 19 8.36 3.64 -21.88
C GLN A 19 9.61 2.78 -22.04
N GLY A 20 10.36 2.64 -20.95
CA GLY A 20 11.60 1.90 -20.96
C GLY A 20 12.82 2.68 -21.38
N SER A 21 12.64 3.84 -22.02
CA SER A 21 13.77 4.67 -22.39
C SER A 21 14.42 5.28 -21.15
N ARG A 22 15.60 5.85 -21.35
CA ARG A 22 16.26 6.58 -20.27
C ARG A 22 15.44 7.84 -19.96
N PRO A 23 15.11 8.09 -18.70
CA PRO A 23 14.29 9.26 -18.37
C PRO A 23 14.92 10.55 -18.88
N GLY A 24 14.07 11.44 -19.40
CA GLY A 24 14.51 12.67 -20.03
C GLY A 24 14.16 12.78 -21.49
N LYS A 25 13.99 11.67 -22.19
CA LYS A 25 13.65 11.71 -23.61
C LYS A 25 12.27 12.31 -23.81
N ASN A 26 12.17 13.26 -24.73
CA ASN A 26 10.96 14.06 -24.91
C ASN A 26 9.95 13.37 -25.82
N VAL A 27 8.70 13.78 -25.67
CA VAL A 27 7.64 13.49 -26.62
C VAL A 27 7.11 14.84 -27.09
N GLN A 28 7.42 15.21 -28.33
CA GLN A 28 7.07 16.52 -28.86
C GLN A 28 5.85 16.37 -29.76
N LEU A 29 4.67 16.56 -29.17
CA LEU A 29 3.45 16.60 -29.96
C LEU A 29 3.41 17.89 -30.78
N THR A 30 2.46 17.95 -31.71
CA THR A 30 2.33 19.15 -32.52
C THR A 30 1.56 20.23 -31.74
N GLU A 31 1.74 21.46 -32.19
CA GLU A 31 1.06 22.60 -31.57
C GLU A 31 -0.46 22.44 -31.65
N ASN A 32 -0.97 21.97 -32.78
CA ASN A 32 -2.41 21.83 -32.95
C ASN A 32 -2.97 20.67 -32.13
N GLU A 33 -2.18 19.60 -31.97
CA GLU A 33 -2.64 18.48 -31.15
C GLU A 33 -2.81 18.90 -29.69
N ILE A 34 -1.85 19.65 -29.16
CA ILE A 34 -1.93 20.10 -27.77
C ILE A 34 -3.08 21.09 -27.60
N ARG A 35 -3.24 21.99 -28.58
CA ARG A 35 -4.37 22.93 -28.54
C ARG A 35 -5.70 22.17 -28.54
N GLY A 36 -5.78 21.08 -29.30
CA GLY A 36 -7.00 20.28 -29.29
C GLY A 36 -7.23 19.58 -27.98
N LEU A 37 -6.15 19.12 -27.34
CA LEU A 37 -6.28 18.49 -26.02
C LEU A 37 -6.83 19.48 -25.00
N CYS A 38 -6.36 20.74 -25.05
CA CYS A 38 -6.81 21.74 -24.09
C CYS A 38 -8.28 22.08 -24.31
N LEU A 39 -8.66 22.36 -25.56
CA LEU A 39 -10.04 22.79 -25.84
C LEU A 39 -11.04 21.68 -25.56
N LYS A 40 -10.72 20.44 -25.93
CA LYS A 40 -11.66 19.34 -25.73
CA LYS A 40 -11.65 19.33 -25.73
C LYS A 40 -11.78 19.00 -24.25
N SER A 41 -10.66 18.91 -23.53
CA SER A 41 -10.73 18.64 -22.11
C SER A 41 -11.40 19.78 -21.35
N ARG A 42 -11.24 21.01 -21.85
CA ARG A 42 -11.92 22.15 -21.26
C ARG A 42 -13.44 21.98 -21.29
N GLU A 43 -13.96 21.48 -22.40
CA GLU A 43 -15.40 21.26 -22.51
C GLU A 43 -15.88 20.21 -21.49
N ILE A 44 -15.11 19.14 -21.31
CA ILE A 44 -15.51 18.08 -20.40
C ILE A 44 -15.47 18.57 -18.95
N PHE A 45 -14.47 19.38 -18.61
CA PHE A 45 -14.40 19.93 -17.25
C PHE A 45 -15.63 20.77 -16.94
N LEU A 46 -16.08 21.59 -17.89
CA LEU A 46 -17.22 22.46 -17.65
C LEU A 46 -18.54 21.66 -17.61
N SER A 47 -18.61 20.56 -18.37
CA SER A 47 -19.83 19.76 -18.37
C SER A 47 -20.00 18.96 -17.10
N GLN A 48 -18.92 18.76 -16.33
CA GLN A 48 -18.95 18.00 -15.10
C GLN A 48 -18.90 18.94 -13.90
N PRO A 49 -19.42 18.52 -12.75
CA PRO A 49 -19.49 19.43 -11.60
C PRO A 49 -18.12 19.86 -11.11
N ILE A 50 -18.08 21.05 -10.51
CA ILE A 50 -16.85 21.54 -9.91
C ILE A 50 -16.52 20.79 -8.63
N LEU A 51 -17.53 20.19 -7.99
CA LEU A 51 -17.34 19.31 -6.85
C LEU A 51 -17.76 17.91 -7.29
N LEU A 52 -16.76 17.08 -7.59
CA LEU A 52 -17.01 15.76 -8.13
C LEU A 52 -17.54 14.81 -7.07
N GLU A 53 -18.41 13.90 -7.49
CA GLU A 53 -18.97 12.85 -6.63
C GLU A 53 -18.61 11.51 -7.26
N LEU A 54 -17.61 10.85 -6.72
CA LEU A 54 -17.01 9.67 -7.32
C LEU A 54 -17.28 8.44 -6.46
N GLU A 55 -17.02 7.27 -7.06
CA GLU A 55 -17.26 5.99 -6.43
C GLU A 55 -15.98 5.16 -6.42
N ALA A 56 -15.75 4.45 -5.32
CA ALA A 56 -14.66 3.49 -5.22
C ALA A 56 -15.05 2.20 -5.93
N PRO A 57 -14.06 1.37 -6.33
CA PRO A 57 -12.61 1.53 -6.19
C PRO A 57 -11.98 2.53 -7.15
N LEU A 58 -10.90 3.17 -6.71
CA LEU A 58 -10.16 4.11 -7.54
C LEU A 58 -8.81 4.35 -6.90
N LYS A 59 -7.87 4.87 -7.70
CA LYS A 59 -6.55 5.25 -7.22
C LYS A 59 -6.47 6.77 -7.17
N ILE A 60 -5.79 7.28 -6.13
CA ILE A 60 -5.64 8.70 -5.91
C ILE A 60 -4.16 9.04 -5.87
N CYS A 61 -3.75 10.02 -6.68
CA CYS A 61 -2.36 10.44 -6.77
C CYS A 61 -2.22 11.89 -6.33
N GLY A 62 -1.07 12.21 -5.77
CA GLY A 62 -0.72 13.56 -5.36
C GLY A 62 0.10 14.28 -6.41
N ASP A 63 0.93 15.21 -5.95
CA ASP A 63 1.71 16.06 -6.85
C ASP A 63 2.56 15.23 -7.81
N ILE A 64 2.58 15.65 -9.07
CA ILE A 64 3.44 15.06 -10.09
C ILE A 64 4.57 16.01 -10.46
N HIS A 65 4.25 17.28 -10.71
CA HIS A 65 5.22 18.33 -10.98
C HIS A 65 6.16 17.95 -12.13
N GLY A 66 5.56 17.56 -13.26
CA GLY A 66 6.32 17.36 -14.48
C GLY A 66 7.29 16.21 -14.49
N GLN A 67 7.24 15.32 -13.49
CA GLN A 67 8.10 14.13 -13.48
C GLN A 67 7.41 13.05 -14.29
N TYR A 68 7.52 13.16 -15.61
CA TYR A 68 6.71 12.38 -16.53
C TYR A 68 6.99 10.88 -16.39
N TYR A 69 8.26 10.50 -16.31
CA TYR A 69 8.58 9.08 -16.21
C TYR A 69 8.18 8.48 -14.87
N ASP A 70 8.04 9.30 -13.83
CA ASP A 70 7.44 8.81 -12.60
C ASP A 70 5.94 8.64 -12.73
N LEU A 71 5.29 9.50 -13.52
CA LEU A 71 3.88 9.30 -13.83
C LEU A 71 3.67 7.99 -14.59
N LEU A 72 4.55 7.69 -15.54
CA LEU A 72 4.46 6.42 -16.26
C LEU A 72 4.64 5.24 -15.31
N ARG A 73 5.53 5.38 -14.31
CA ARG A 73 5.70 4.31 -13.33
C ARG A 73 4.44 4.13 -12.49
N LEU A 74 3.75 5.23 -12.16
CA LEU A 74 2.51 5.13 -11.40
C LEU A 74 1.46 4.32 -12.16
N PHE A 75 1.30 4.59 -13.46
CA PHE A 75 0.36 3.82 -14.26
C PHE A 75 0.81 2.38 -14.41
N GLU A 76 2.12 2.13 -14.46
CA GLU A 76 2.60 0.76 -14.51
C GLU A 76 2.28 0.02 -13.22
N TYR A 77 2.36 0.71 -12.08
CA TYR A 77 2.05 0.08 -10.80
C TYR A 77 0.55 -0.11 -10.63
N GLY A 78 -0.24 0.92 -10.91
CA GLY A 78 -1.67 0.89 -10.65
C GLY A 78 -2.54 0.47 -11.81
N GLY A 79 -1.98 0.29 -13.00
CA GLY A 79 -2.76 -0.08 -14.17
C GLY A 79 -3.09 1.12 -15.04
N PHE A 80 -2.70 1.06 -16.31
CA PHE A 80 -2.98 2.15 -17.22
C PHE A 80 -4.48 2.30 -17.42
N PRO A 81 -5.00 3.52 -17.53
CA PRO A 81 -6.44 3.72 -17.77
C PRO A 81 -6.89 2.98 -19.01
N PRO A 82 -8.11 2.41 -19.00
CA PRO A 82 -9.09 2.50 -17.93
C PRO A 82 -9.11 1.27 -17.02
N GLU A 83 -7.99 0.54 -16.97
CA GLU A 83 -7.89 -0.65 -16.12
CA GLU A 83 -7.97 -0.65 -16.13
C GLU A 83 -8.14 -0.32 -14.66
N SER A 84 -7.90 0.93 -14.27
CA SER A 84 -8.24 1.41 -12.94
CA SER A 84 -8.21 1.42 -12.93
C SER A 84 -8.76 2.83 -13.05
N ASN A 85 -9.67 3.18 -12.14
CA ASN A 85 -10.17 4.55 -12.05
C ASN A 85 -9.16 5.41 -11.32
N TYR A 86 -9.01 6.65 -11.77
CA TYR A 86 -7.99 7.54 -11.24
C TYR A 86 -8.59 8.88 -10.83
N LEU A 87 -8.04 9.43 -9.75
CA LEU A 87 -8.30 10.81 -9.35
C LEU A 87 -6.97 11.44 -8.98
N PHE A 88 -6.57 12.47 -9.72
CA PHE A 88 -5.38 13.23 -9.42
C PHE A 88 -5.78 14.52 -8.68
N LEU A 89 -4.90 14.94 -7.78
CA LEU A 89 -5.21 16.04 -6.88
C LEU A 89 -4.58 17.38 -7.29
N GLY A 90 -3.90 17.42 -8.42
CA GLY A 90 -3.37 18.67 -8.93
C GLY A 90 -1.85 18.71 -8.93
N ASP A 91 -1.33 19.90 -9.23
CA ASP A 91 0.11 20.16 -9.35
C ASP A 91 0.75 19.22 -10.37
N TYR A 92 0.35 19.42 -11.63
CA TYR A 92 0.87 18.63 -12.73
C TYR A 92 2.09 19.26 -13.38
N VAL A 93 2.24 20.58 -13.29
CA VAL A 93 3.33 21.29 -13.94
C VAL A 93 4.25 21.93 -12.90
N ASP A 94 5.30 22.61 -13.38
CA ASP A 94 6.29 23.31 -12.56
C ASP A 94 7.26 22.34 -11.87
N ARG A 95 8.42 22.88 -11.46
CA ARG A 95 9.44 22.18 -10.69
C ARG A 95 10.16 21.10 -11.50
N GLY A 96 9.41 20.25 -12.20
CA GLY A 96 10.00 19.14 -12.93
C GLY A 96 10.52 19.54 -14.30
N LYS A 97 10.98 18.52 -15.02
CA LYS A 97 11.62 18.72 -16.33
C LYS A 97 10.67 18.54 -17.50
N GLN A 98 9.59 17.77 -17.34
CA GLN A 98 8.69 17.43 -18.44
C GLN A 98 7.25 17.67 -18.01
N SER A 99 6.90 18.94 -17.77
CA SER A 99 5.52 19.27 -17.48
C SER A 99 4.63 19.07 -18.70
N LEU A 100 5.17 19.28 -19.90
CA LEU A 100 4.35 19.18 -21.10
C LEU A 100 3.89 17.74 -21.35
N GLU A 101 4.82 16.79 -21.29
CA GLU A 101 4.44 15.38 -21.45
C GLU A 101 3.47 14.95 -20.37
N THR A 102 3.64 15.47 -19.15
CA THR A 102 2.79 15.07 -18.02
C THR A 102 1.35 15.51 -18.24
N ILE A 103 1.13 16.80 -18.46
CA ILE A 103 -0.24 17.30 -18.55
C ILE A 103 -0.91 16.83 -19.84
N CYS A 104 -0.15 16.62 -20.90
CA CYS A 104 -0.75 16.17 -22.16
C CYS A 104 -1.30 14.76 -22.04
N LEU A 105 -0.56 13.86 -21.36
CA LEU A 105 -1.07 12.51 -21.17
C LEU A 105 -2.29 12.51 -20.26
N LEU A 106 -2.30 13.36 -19.23
CA LEU A 106 -3.44 13.43 -18.33
C LEU A 106 -4.67 13.99 -19.04
N LEU A 107 -4.48 15.01 -19.87
CA LEU A 107 -5.60 15.56 -20.62
C LEU A 107 -6.10 14.56 -21.66
N ALA A 108 -5.18 13.84 -22.30
CA ALA A 108 -5.58 12.84 -23.30
C ALA A 108 -6.40 11.72 -22.65
N TYR A 109 -5.96 11.23 -21.49
CA TYR A 109 -6.72 10.22 -20.78
C TYR A 109 -8.06 10.75 -20.28
N LYS A 110 -8.10 12.03 -19.89
CA LYS A 110 -9.36 12.63 -19.47
C LYS A 110 -10.37 12.66 -20.61
N ILE A 111 -9.89 12.91 -21.84
CA ILE A 111 -10.79 12.97 -22.97
C ILE A 111 -11.28 11.58 -23.36
N LYS A 112 -10.39 10.59 -23.34
CA LYS A 112 -10.78 9.25 -23.77
C LYS A 112 -11.68 8.56 -22.74
N TYR A 113 -11.43 8.80 -21.46
CA TYR A 113 -12.20 8.17 -20.38
C TYR A 113 -12.73 9.25 -19.45
N PRO A 114 -13.71 10.03 -19.90
CA PRO A 114 -14.16 11.19 -19.10
C PRO A 114 -14.88 10.84 -17.83
N GLU A 115 -15.40 9.61 -17.68
CA GLU A 115 -16.13 9.23 -16.48
C GLU A 115 -15.36 8.23 -15.62
N ASN A 116 -14.11 7.92 -15.97
CA ASN A 116 -13.27 7.03 -15.18
C ASN A 116 -11.91 7.64 -14.89
N PHE A 117 -11.72 8.93 -15.19
CA PHE A 117 -10.45 9.61 -15.04
C PHE A 117 -10.74 11.05 -14.65
N PHE A 118 -10.15 11.50 -13.55
CA PHE A 118 -10.53 12.80 -12.99
C PHE A 118 -9.30 13.55 -12.52
N LEU A 119 -9.29 14.86 -12.77
CA LEU A 119 -8.16 15.73 -12.44
C LEU A 119 -8.67 16.92 -11.64
N LEU A 120 -8.07 17.17 -10.49
CA LEU A 120 -8.37 18.33 -9.68
C LEU A 120 -7.37 19.45 -9.95
N ARG A 121 -7.71 20.66 -9.50
CA ARG A 121 -6.87 21.83 -9.69
C ARG A 121 -5.97 22.03 -8.48
N GLY A 122 -4.66 22.15 -8.72
CA GLY A 122 -3.72 22.51 -7.69
C GLY A 122 -3.33 23.98 -7.77
N ASN A 123 -2.54 24.40 -6.78
CA ASN A 123 -2.10 25.79 -6.75
C ASN A 123 -1.14 26.14 -7.87
N HIS A 124 -0.48 25.14 -8.46
CA HIS A 124 0.38 25.38 -9.61
C HIS A 124 -0.39 25.37 -10.93
N GLU A 125 -1.67 25.02 -10.91
CA GLU A 125 -2.56 25.25 -12.04
C GLU A 125 -3.17 26.66 -12.00
N CYS A 126 -2.47 27.61 -11.41
CA CYS A 126 -2.80 29.02 -11.48
C CYS A 126 -1.72 29.74 -12.27
N ALA A 127 -2.15 30.66 -13.15
CA ALA A 127 -1.22 31.27 -14.10
C ALA A 127 -0.12 32.05 -13.40
N SER A 128 -0.44 32.77 -12.32
CA SER A 128 0.57 33.55 -11.63
C SER A 128 1.65 32.68 -11.02
N ILE A 129 1.32 31.44 -10.68
CA ILE A 129 2.30 30.54 -10.10
C ILE A 129 3.15 29.88 -11.19
N ASN A 130 2.51 29.25 -12.17
CA ASN A 130 3.27 28.55 -13.20
C ASN A 130 3.99 29.49 -14.16
N ARG A 131 3.75 30.80 -14.07
CA ARG A 131 4.57 31.76 -14.81
C ARG A 131 5.99 31.81 -14.24
N ILE A 132 6.13 31.56 -12.94
CA ILE A 132 7.41 31.69 -12.25
C ILE A 132 8.11 30.34 -12.10
N TYR A 133 7.37 29.29 -11.78
CA TYR A 133 7.96 28.05 -11.27
C TYR A 133 8.18 26.99 -12.36
N GLY A 134 8.21 27.38 -13.63
CA GLY A 134 8.71 26.47 -14.64
C GLY A 134 7.88 26.26 -15.89
N PHE A 135 6.56 26.15 -15.75
CA PHE A 135 5.73 25.76 -16.88
C PHE A 135 5.76 26.80 -18.00
N TYR A 136 5.79 28.08 -17.64
CA TYR A 136 5.85 29.13 -18.66
C TYR A 136 7.13 29.04 -19.48
N ASP A 137 8.26 28.82 -18.80
CA ASP A 137 9.53 28.70 -19.52
C ASP A 137 9.56 27.47 -20.41
N GLU A 138 8.96 26.37 -19.94
CA GLU A 138 8.90 25.16 -20.75
C GLU A 138 8.05 25.36 -22.00
N CYS A 139 6.92 26.06 -21.85
CA CYS A 139 6.07 26.36 -23.00
C CYS A 139 6.78 27.30 -23.97
N LYS A 140 7.45 28.33 -23.44
CA LYS A 140 8.13 29.30 -24.30
C LYS A 140 9.28 28.65 -25.05
N ARG A 141 9.98 27.71 -24.41
CA ARG A 141 11.14 27.10 -25.04
C ARG A 141 10.75 26.08 -26.11
N ARG A 142 9.81 25.19 -25.78
CA ARG A 142 9.46 24.09 -26.67
C ARG A 142 8.27 24.38 -27.57
N TYR A 143 7.48 25.40 -27.27
CA TYR A 143 6.39 25.81 -28.14
C TYR A 143 6.34 27.33 -28.23
N ASN A 144 5.29 27.95 -27.69
CA ASN A 144 5.21 29.40 -27.64
C ASN A 144 4.30 29.79 -26.48
N ILE A 145 4.37 31.08 -26.12
CA ILE A 145 3.59 31.56 -24.98
C ILE A 145 2.10 31.60 -25.28
N LYS A 146 1.72 31.67 -26.56
CA LYS A 146 0.30 31.59 -26.90
C LYS A 146 -0.29 30.24 -26.49
N LEU A 147 0.49 29.17 -26.63
CA LEU A 147 0.04 27.87 -26.15
C LEU A 147 -0.03 27.82 -24.63
N TRP A 148 0.86 28.56 -23.95
CA TRP A 148 0.79 28.62 -22.49
C TRP A 148 -0.51 29.24 -22.02
N LYS A 149 -0.97 30.29 -22.72
CA LYS A 149 -2.27 30.88 -22.40
C LYS A 149 -3.39 29.89 -22.64
N THR A 150 -3.26 29.06 -23.68
CA THR A 150 -4.26 28.03 -23.96
C THR A 150 -4.35 27.05 -22.81
N PHE A 151 -3.21 26.58 -22.31
CA PHE A 151 -3.18 25.76 -21.11
C PHE A 151 -3.86 26.48 -19.95
N THR A 152 -3.56 27.77 -19.78
CA THR A 152 -4.13 28.55 -18.69
C THR A 152 -5.65 28.59 -18.76
N ASP A 153 -6.20 28.79 -19.97
CA ASP A 153 -7.64 28.78 -20.12
C ASP A 153 -8.23 27.42 -19.77
N CYS A 154 -7.49 26.34 -20.05
CA CYS A 154 -7.95 25.01 -19.69
C CYS A 154 -7.91 24.79 -18.18
N PHE A 155 -6.82 25.24 -17.54
CA PHE A 155 -6.70 25.07 -16.09
C PHE A 155 -7.79 25.83 -15.34
N ASN A 156 -8.28 26.93 -15.90
CA ASN A 156 -9.30 27.75 -15.23
C ASN A 156 -10.64 27.04 -15.11
N CYS A 157 -10.81 25.88 -15.75
CA CYS A 157 -12.06 25.14 -15.69
C CYS A 157 -11.96 23.84 -14.91
N LEU A 158 -10.81 23.56 -14.30
CA LEU A 158 -10.63 22.32 -13.57
C LEU A 158 -11.54 22.29 -12.34
N PRO A 159 -12.09 21.12 -11.98
CA PRO A 159 -12.79 21.00 -10.70
C PRO A 159 -11.82 21.20 -9.54
N ILE A 160 -12.38 21.52 -8.37
CA ILE A 160 -11.56 21.88 -7.24
CA ILE A 160 -11.60 21.91 -7.22
C ILE A 160 -11.63 20.88 -6.10
N ALA A 161 -12.71 20.08 -6.01
CA ALA A 161 -12.79 19.10 -4.93
C ALA A 161 -13.61 17.91 -5.41
N ALA A 162 -13.51 16.81 -4.66
CA ALA A 162 -14.23 15.59 -4.97
C ALA A 162 -14.53 14.84 -3.68
N ILE A 163 -15.70 14.20 -3.64
CA ILE A 163 -16.11 13.38 -2.50
C ILE A 163 -16.31 11.96 -3.01
N VAL A 164 -15.62 11.01 -2.39
CA VAL A 164 -15.66 9.60 -2.80
C VAL A 164 -16.64 8.87 -1.90
N ASP A 165 -17.75 8.43 -2.47
CA ASP A 165 -18.76 7.62 -1.78
C ASP A 165 -19.24 8.29 -0.50
N GLU A 166 -19.34 9.62 -0.54
CA GLU A 166 -19.87 10.44 0.55
C GLU A 166 -19.06 10.30 1.84
N LYS A 167 -17.79 9.91 1.76
CA LYS A 167 -17.03 9.67 2.97
C LYS A 167 -15.63 10.28 2.93
N ILE A 168 -15.03 10.39 1.76
CA ILE A 168 -13.67 10.90 1.60
C ILE A 168 -13.73 12.23 0.86
N PHE A 169 -13.34 13.30 1.55
CA PHE A 169 -13.28 14.64 0.96
C PHE A 169 -11.89 14.86 0.39
N CYS A 170 -11.82 15.15 -0.91
CA CYS A 170 -10.55 15.30 -1.60
C CYS A 170 -10.40 16.71 -2.15
N CYS A 171 -9.25 17.32 -1.90
CA CYS A 171 -8.89 18.60 -2.48
C CYS A 171 -7.37 18.68 -2.49
N HIS A 172 -6.84 19.69 -3.18
CA HIS A 172 -5.38 19.79 -3.30
C HIS A 172 -4.75 20.26 -2.00
N GLY A 173 -5.12 21.45 -1.54
CA GLY A 173 -4.52 22.03 -0.36
C GLY A 173 -5.10 21.50 0.94
N GLY A 174 -6.22 22.06 1.37
CA GLY A 174 -6.84 21.63 2.60
C GLY A 174 -8.13 22.36 2.91
N LEU A 175 -8.45 22.49 4.20
CA LEU A 175 -9.70 23.09 4.62
C LEU A 175 -9.62 24.61 4.58
N SER A 176 -10.78 25.25 4.74
CA SER A 176 -10.90 26.69 4.69
C SER A 176 -11.72 27.20 5.87
N PRO A 177 -11.35 28.34 6.46
CA PRO A 177 -12.22 28.94 7.48
C PRO A 177 -13.54 29.42 6.91
N ASP A 178 -13.65 29.60 5.61
CA ASP A 178 -14.88 30.03 4.96
C ASP A 178 -15.73 28.86 4.47
N LEU A 179 -15.30 27.62 4.73
CA LEU A 179 -16.02 26.43 4.26
C LEU A 179 -17.01 26.01 5.34
N GLN A 180 -18.28 26.36 5.15
CA GLN A 180 -19.36 25.94 6.03
C GLN A 180 -20.32 24.96 5.38
N SER A 181 -20.55 25.07 4.07
CA SER A 181 -21.43 24.18 3.35
C SER A 181 -20.75 23.74 2.06
N MET A 182 -21.03 22.50 1.65
CA MET A 182 -20.56 22.02 0.36
C MET A 182 -21.16 22.80 -0.80
N GLU A 183 -22.33 23.42 -0.59
CA GLU A 183 -22.95 24.22 -1.64
C GLU A 183 -22.10 25.45 -1.98
N GLN A 184 -21.30 25.94 -1.03
CA GLN A 184 -20.41 27.05 -1.33
C GLN A 184 -19.42 26.69 -2.44
N ILE A 185 -18.99 25.44 -2.49
CA ILE A 185 -18.09 25.00 -3.55
C ILE A 185 -18.82 24.88 -4.88
N ARG A 186 -20.02 24.30 -4.86
CA ARG A 186 -20.79 24.12 -6.09
C ARG A 186 -21.19 25.45 -6.73
N ARG A 187 -21.28 26.52 -5.94
CA ARG A 187 -21.65 27.83 -6.47
C ARG A 187 -20.52 28.52 -7.22
N ILE A 188 -19.28 28.03 -7.08
CA ILE A 188 -18.15 28.67 -7.74
C ILE A 188 -18.27 28.47 -9.25
N MET A 189 -18.32 29.58 -9.99
CA MET A 189 -18.52 29.54 -11.43
C MET A 189 -17.18 29.44 -12.15
N ARG A 190 -17.21 28.81 -13.32
CA ARG A 190 -16.04 28.58 -14.13
C ARG A 190 -16.29 29.08 -15.55
N PRO A 191 -15.23 29.55 -16.25
CA PRO A 191 -13.83 29.60 -15.79
C PRO A 191 -13.57 30.70 -14.76
N THR A 192 -12.53 30.53 -13.96
CA THR A 192 -12.16 31.49 -12.95
C THR A 192 -10.66 31.42 -12.69
N ASP A 193 -10.07 32.55 -12.35
CA ASP A 193 -8.72 32.56 -11.82
C ASP A 193 -8.75 32.18 -10.34
N VAL A 194 -7.57 31.99 -9.77
CA VAL A 194 -7.44 31.64 -8.36
C VAL A 194 -7.15 32.92 -7.59
N PRO A 195 -8.05 33.34 -6.69
CA PRO A 195 -7.79 34.57 -5.92
C PRO A 195 -6.69 34.36 -4.89
N ASP A 196 -6.15 35.48 -4.40
CA ASP A 196 -5.09 35.43 -3.41
C ASP A 196 -5.61 35.22 -1.99
N GLN A 197 -6.93 35.08 -1.82
CA GLN A 197 -7.52 34.77 -0.53
C GLN A 197 -8.94 34.28 -0.75
N GLY A 198 -9.46 33.59 0.25
CA GLY A 198 -10.83 33.11 0.23
C GLY A 198 -10.90 31.59 0.14
N LEU A 199 -12.13 31.11 -0.04
CA LEU A 199 -12.39 29.67 -0.06
C LEU A 199 -11.60 28.97 -1.16
N LEU A 200 -11.71 29.46 -2.40
CA LEU A 200 -11.03 28.82 -3.52
C LEU A 200 -9.52 28.83 -3.33
N CYS A 201 -9.00 29.91 -2.75
CA CYS A 201 -7.57 29.99 -2.47
C CYS A 201 -7.16 28.95 -1.42
N ASP A 202 -7.95 28.83 -0.35
CA ASP A 202 -7.60 27.92 0.74
C ASP A 202 -7.65 26.47 0.29
N LEU A 203 -8.65 26.10 -0.51
CA LEU A 203 -8.76 24.72 -0.99
C LEU A 203 -7.56 24.31 -1.82
N LEU A 204 -6.79 25.25 -2.32
CA LEU A 204 -5.61 24.97 -3.13
C LEU A 204 -4.30 25.28 -2.41
N TRP A 205 -4.34 25.81 -1.20
CA TRP A 205 -3.13 26.34 -0.59
C TRP A 205 -2.90 25.92 0.86
N SER A 206 -3.98 25.71 1.62
CA SER A 206 -3.83 25.54 3.06
C SER A 206 -3.15 24.22 3.40
N ASP A 207 -2.61 24.16 4.61
CA ASP A 207 -1.81 23.03 5.07
C ASP A 207 -2.22 22.66 6.49
N PRO A 208 -2.15 21.37 6.83
CA PRO A 208 -2.32 20.96 8.22
C PRO A 208 -1.02 21.12 9.01
N ASP A 209 -1.18 21.44 10.29
CA ASP A 209 -0.03 21.66 11.17
C ASP A 209 -0.34 21.10 12.55
N LYS A 210 0.54 20.25 13.05
CA LYS A 210 0.33 19.62 14.35
C LYS A 210 0.64 20.53 15.53
N ASP A 211 1.28 21.68 15.30
CA ASP A 211 1.63 22.61 16.35
C ASP A 211 0.73 23.85 16.36
N VAL A 212 -0.46 23.76 15.78
CA VAL A 212 -1.39 24.88 15.68
C VAL A 212 -2.75 24.47 16.24
N GLN A 213 -3.36 25.36 17.01
CA GLN A 213 -4.73 25.19 17.47
C GLN A 213 -5.62 26.14 16.68
N GLY A 214 -6.56 25.58 15.94
CA GLY A 214 -7.41 26.37 15.07
C GLY A 214 -6.73 26.78 13.78
N TRP A 215 -6.86 28.05 13.40
CA TRP A 215 -6.32 28.56 12.15
C TRP A 215 -5.10 29.42 12.45
N GLY A 216 -3.97 29.08 11.84
CA GLY A 216 -2.74 29.84 11.98
C GLY A 216 -2.28 30.39 10.64
N GLU A 217 -1.13 31.07 10.68
CA GLU A 217 -0.52 31.59 9.48
C GLU A 217 0.23 30.50 8.73
N ASN A 218 0.39 30.71 7.42
CA ASN A 218 1.03 29.73 6.55
C ASN A 218 2.37 30.27 6.07
N ASP A 219 3.41 29.44 6.14
CA ASP A 219 4.76 29.84 5.75
C ASP A 219 4.90 30.10 4.25
N ARG A 220 3.92 29.69 3.44
CA ARG A 220 3.99 29.97 2.01
C ARG A 220 3.75 31.44 1.70
N GLY A 221 3.18 32.21 2.64
CA GLY A 221 2.83 33.58 2.37
C GLY A 221 1.43 33.79 1.86
N VAL A 222 0.55 32.80 2.05
CA VAL A 222 -0.82 32.84 1.53
C VAL A 222 -1.64 31.77 2.23
N SER A 223 -2.93 32.01 2.42
CA SER A 223 -3.87 31.07 3.02
C SER A 223 -3.47 30.86 4.50
N PHE A 224 -3.81 29.70 5.06
CA PHE A 224 -3.67 29.45 6.48
C PHE A 224 -3.16 28.03 6.73
N THR A 225 -2.89 27.74 8.00
CA THR A 225 -2.71 26.39 8.49
C THR A 225 -3.87 26.04 9.41
N PHE A 226 -4.11 24.75 9.58
CA PHE A 226 -5.19 24.31 10.45
C PHE A 226 -4.73 23.10 11.26
N GLY A 227 -5.32 22.96 12.46
CA GLY A 227 -4.92 21.94 13.40
C GLY A 227 -5.80 20.71 13.36
N ALA A 228 -5.47 19.76 14.25
CA ALA A 228 -6.14 18.47 14.25
C ALA A 228 -7.61 18.58 14.64
N GLU A 229 -7.95 19.54 15.52
CA GLU A 229 -9.33 19.68 15.95
C GLU A 229 -10.19 20.29 14.85
N VAL A 230 -9.59 21.08 13.95
CA VAL A 230 -10.35 21.58 12.80
C VAL A 230 -10.78 20.42 11.92
N VAL A 231 -9.92 19.42 11.77
CA VAL A 231 -10.25 18.26 10.93
C VAL A 231 -11.34 17.42 11.57
N ALA A 232 -11.23 17.18 12.88
CA ALA A 232 -12.20 16.32 13.56
C ALA A 232 -13.61 16.91 13.53
N LYS A 233 -13.72 18.21 13.77
CA LYS A 233 -15.03 18.86 13.74
C LYS A 233 -15.60 18.88 12.33
N PHE A 234 -14.74 19.08 11.33
CA PHE A 234 -15.20 19.11 9.94
C PHE A 234 -15.75 17.76 9.51
N LEU A 235 -15.04 16.68 9.84
CA LEU A 235 -15.49 15.33 9.49
C LEU A 235 -16.82 15.01 10.16
N HIS A 236 -16.96 15.38 11.44
CA HIS A 236 -18.19 15.07 12.16
C HIS A 236 -19.37 15.87 11.62
N LYS A 237 -19.14 17.13 11.26
CA LYS A 237 -20.23 17.98 10.79
C LYS A 237 -20.76 17.52 9.44
N HIS A 238 -19.91 16.99 8.57
CA HIS A 238 -20.29 16.62 7.23
C HIS A 238 -20.39 15.11 7.03
N ASP A 239 -20.33 14.33 8.11
CA ASP A 239 -20.51 12.87 8.05
C ASP A 239 -19.47 12.23 7.13
N LEU A 240 -18.21 12.61 7.32
CA LEU A 240 -17.10 12.12 6.52
C LEU A 240 -16.16 11.27 7.38
N ASP A 241 -15.37 10.44 6.69
CA ASP A 241 -14.41 9.57 7.36
C ASP A 241 -12.97 10.04 7.20
N LEU A 242 -12.64 10.73 6.11
CA LEU A 242 -11.26 11.02 5.80
C LEU A 242 -11.17 12.26 4.91
N ILE A 243 -10.11 13.02 5.11
CA ILE A 243 -9.74 14.12 4.21
C ILE A 243 -8.47 13.71 3.48
N CYS A 244 -8.53 13.72 2.16
CA CYS A 244 -7.41 13.31 1.32
C CYS A 244 -6.91 14.53 0.54
N ARG A 245 -5.66 14.90 0.74
CA ARG A 245 -5.09 16.07 0.10
C ARG A 245 -3.65 15.78 -0.30
N ALA A 246 -3.00 16.80 -0.88
CA ALA A 246 -1.64 16.66 -1.38
C ALA A 246 -0.76 17.83 -0.91
N HIS A 247 -0.24 18.60 -1.86
CA HIS A 247 0.30 19.94 -1.61
C HIS A 247 1.67 19.95 -0.95
N GLN A 248 1.95 19.00 -0.06
CA GLN A 248 3.18 18.99 0.72
C GLN A 248 4.00 17.74 0.45
N VAL A 249 5.30 17.92 0.20
CA VAL A 249 6.18 16.77 0.02
C VAL A 249 6.37 16.08 1.37
N VAL A 250 6.28 14.76 1.37
CA VAL A 250 6.42 13.96 2.57
C VAL A 250 7.38 12.82 2.29
N GLU A 251 8.11 12.41 3.32
CA GLU A 251 9.23 11.48 3.14
C GLU A 251 8.75 10.12 2.64
N ASP A 252 7.64 9.63 3.16
CA ASP A 252 7.12 8.32 2.78
C ASP A 252 6.18 8.37 1.58
N GLY A 253 6.00 9.52 0.97
CA GLY A 253 5.02 9.70 -0.08
C GLY A 253 3.59 9.89 0.41
N TYR A 254 3.27 9.32 1.56
CA TYR A 254 1.98 9.52 2.21
C TYR A 254 2.22 9.77 3.69
N GLU A 255 1.34 10.55 4.31
CA GLU A 255 1.50 10.89 5.71
C GLU A 255 0.13 11.16 6.32
N PHE A 256 -0.20 10.43 7.39
CA PHE A 256 -1.46 10.60 8.07
C PHE A 256 -1.37 11.72 9.10
N PHE A 257 -2.53 12.23 9.50
CA PHE A 257 -2.61 13.39 10.37
C PHE A 257 -3.90 13.32 11.17
N ALA A 258 -3.83 13.77 12.42
CA ALA A 258 -4.99 13.84 13.32
C ALA A 258 -5.66 12.48 13.48
N LYS A 259 -4.88 11.51 13.95
CA LYS A 259 -5.35 10.15 14.21
C LYS A 259 -5.90 9.52 12.93
N ARG A 260 -5.13 9.63 11.85
CA ARG A 260 -5.46 9.05 10.54
CA ARG A 260 -5.46 9.04 10.55
C ARG A 260 -6.81 9.55 10.02
N GLN A 261 -7.18 10.78 10.39
CA GLN A 261 -8.38 11.41 9.86
C GLN A 261 -8.09 12.24 8.62
N LEU A 262 -6.82 12.53 8.35
CA LEU A 262 -6.39 13.21 7.14
C LEU A 262 -5.13 12.53 6.64
N VAL A 263 -5.00 12.44 5.32
CA VAL A 263 -3.81 11.85 4.69
C VAL A 263 -3.30 12.80 3.62
N THR A 264 -1.99 12.94 3.55
CA THR A 264 -1.33 13.75 2.52
C THR A 264 -0.69 12.83 1.50
N LEU A 265 -0.95 13.07 0.23
CA LEU A 265 -0.41 12.27 -0.85
C LEU A 265 0.57 13.10 -1.68
N PHE A 266 1.75 12.56 -1.92
CA PHE A 266 2.75 13.19 -2.77
C PHE A 266 3.36 12.11 -3.65
N SER A 267 3.16 12.23 -4.96
CA SER A 267 3.46 11.15 -5.90
C SER A 267 4.73 11.39 -6.70
N ALA A 268 5.52 12.41 -6.36
CA ALA A 268 6.75 12.70 -7.09
C ALA A 268 7.95 12.31 -6.24
N PRO A 269 8.59 11.16 -6.49
CA PRO A 269 9.76 10.77 -5.70
C PRO A 269 10.97 11.59 -6.10
N ASN A 270 11.90 11.71 -5.15
CA ASN A 270 13.11 12.51 -5.33
C ASN A 270 12.76 13.92 -5.82
N TYR A 271 11.85 14.56 -5.07
CA TYR A 271 11.20 15.80 -5.48
C TYR A 271 12.19 16.85 -5.96
N CYS A 272 12.14 17.16 -7.26
CA CYS A 272 12.98 18.14 -7.94
C CYS A 272 14.44 18.05 -7.53
N GLY A 273 14.95 16.82 -7.40
CA GLY A 273 16.37 16.58 -7.18
C GLY A 273 16.90 16.93 -5.81
N GLU A 274 16.14 17.66 -4.99
CA GLU A 274 16.63 18.07 -3.68
C GLU A 274 16.25 17.10 -2.56
N PHE A 275 15.02 16.61 -2.56
CA PHE A 275 14.54 15.74 -1.49
C PHE A 275 14.79 14.27 -1.80
N ASP A 276 14.83 13.45 -0.75
CA ASP A 276 14.97 12.01 -0.86
C ASP A 276 13.66 11.31 -0.54
N ASN A 277 12.53 11.93 -0.90
CA ASN A 277 11.22 11.44 -0.57
C ASN A 277 10.79 10.32 -1.52
N ALA A 278 9.84 9.52 -1.06
CA ALA A 278 9.17 8.56 -1.91
C ALA A 278 7.89 9.17 -2.50
N GLY A 279 7.37 8.52 -3.53
CA GLY A 279 6.10 8.90 -4.13
C GLY A 279 5.07 7.81 -3.85
N ALA A 280 3.87 8.22 -3.47
CA ALA A 280 2.84 7.28 -3.08
C ALA A 280 1.56 7.50 -3.87
N MET A 281 0.86 6.41 -4.11
CA MET A 281 -0.46 6.40 -4.74
C MET A 281 -1.39 5.57 -3.88
N MET A 282 -2.53 6.15 -3.49
CA MET A 282 -3.44 5.50 -2.56
C MET A 282 -4.49 4.70 -3.30
N SER A 283 -4.68 3.45 -2.87
CA SER A 283 -5.67 2.56 -3.45
CA SER A 283 -5.68 2.55 -3.45
C SER A 283 -6.86 2.44 -2.50
N VAL A 284 -8.04 2.82 -2.97
CA VAL A 284 -9.27 2.74 -2.19
C VAL A 284 -10.10 1.61 -2.76
N ASP A 285 -10.41 0.61 -1.94
CA ASP A 285 -11.16 -0.54 -2.42
C ASP A 285 -12.65 -0.31 -2.25
N GLU A 286 -13.45 -1.35 -2.52
CA GLU A 286 -14.90 -1.19 -2.54
C GLU A 286 -15.46 -0.84 -1.17
N THR A 287 -14.78 -1.24 -0.10
CA THR A 287 -15.21 -0.90 1.26
C THR A 287 -14.52 0.35 1.78
N LEU A 288 -13.90 1.13 0.91
CA LEU A 288 -13.21 2.39 1.23
C LEU A 288 -11.98 2.18 2.09
N MET A 289 -11.44 0.96 2.15
CA MET A 289 -10.18 0.72 2.83
C MET A 289 -9.02 1.22 1.97
N CYS A 290 -8.06 1.89 2.61
CA CYS A 290 -6.98 2.57 1.92
C CYS A 290 -5.68 1.81 2.08
N SER A 291 -4.99 1.58 0.96
CA SER A 291 -3.64 1.02 0.94
C SER A 291 -2.81 1.86 -0.03
N PHE A 292 -1.53 1.53 -0.16
CA PHE A 292 -0.61 2.40 -0.88
C PHE A 292 0.32 1.61 -1.80
N GLN A 293 0.56 2.17 -2.98
CA GLN A 293 1.62 1.72 -3.88
C GLN A 293 2.64 2.85 -3.98
N ILE A 294 3.91 2.50 -3.86
CA ILE A 294 4.96 3.47 -3.54
C ILE A 294 6.10 3.38 -4.55
N LEU A 295 6.52 4.54 -5.06
CA LEU A 295 7.77 4.67 -5.80
C LEU A 295 8.86 5.06 -4.80
N LYS A 296 9.70 4.09 -4.45
CA LYS A 296 10.73 4.34 -3.44
C LYS A 296 11.79 5.28 -3.99
N PRO A 297 12.43 6.06 -3.12
CA PRO A 297 13.45 7.01 -3.58
C PRO A 297 14.69 6.29 -4.09
N ALA A 298 15.48 7.01 -4.87
CA ALA A 298 16.71 6.48 -5.43
C ALA A 298 17.72 6.16 -4.34
N SER B 5 -17.46 -28.18 22.85
CA SER B 5 -17.01 -27.98 24.22
C SER B 5 -15.96 -26.87 24.29
N LEU B 6 -15.35 -26.57 23.15
CA LEU B 6 -14.37 -25.49 23.06
C LEU B 6 -15.09 -24.16 22.91
N ASN B 7 -15.11 -23.35 23.96
CA ASN B 7 -15.74 -22.04 23.92
C ASN B 7 -14.82 -21.08 23.17
N LEU B 8 -14.93 -21.13 21.83
CA LEU B 8 -14.09 -20.30 20.98
C LEU B 8 -14.33 -18.82 21.24
N ASP B 9 -15.60 -18.41 21.34
CA ASP B 9 -15.92 -16.99 21.45
C ASP B 9 -15.48 -16.41 22.78
N SER B 10 -15.52 -17.20 23.86
CA SER B 10 -14.96 -16.73 25.13
C SER B 10 -13.46 -16.55 25.04
N ILE B 11 -12.78 -17.44 24.30
CA ILE B 11 -11.34 -17.34 24.14
C ILE B 11 -10.98 -16.09 23.32
N ILE B 12 -11.63 -15.91 22.16
CA ILE B 12 -11.33 -14.75 21.32
C ILE B 12 -11.65 -13.46 22.06
N GLY B 13 -12.76 -13.43 22.79
CA GLY B 13 -13.14 -12.27 23.56
C GLY B 13 -12.07 -11.86 24.55
N ARG B 14 -11.61 -12.80 25.38
CA ARG B 14 -10.56 -12.49 26.35
C ARG B 14 -9.26 -12.08 25.65
N LEU B 15 -8.97 -12.66 24.50
CA LEU B 15 -7.76 -12.29 23.77
C LEU B 15 -7.84 -10.86 23.25
N LEU B 16 -9.03 -10.40 22.85
CA LEU B 16 -9.22 -9.07 22.29
C LEU B 16 -9.52 -8.01 23.34
N GLU B 17 -9.68 -8.41 24.61
CA GLU B 17 -10.04 -7.44 25.64
C GLU B 17 -8.94 -6.42 25.87
N VAL B 18 -7.68 -6.84 25.75
CA VAL B 18 -6.53 -6.00 26.07
C VAL B 18 -6.25 -5.01 24.95
N GLN B 19 -7.09 -5.03 23.90
CA GLN B 19 -7.00 -4.04 22.85
C GLN B 19 -7.24 -2.66 23.43
N GLY B 20 -6.27 -1.77 23.26
CA GLY B 20 -6.31 -0.45 23.84
C GLY B 20 -5.47 -0.27 25.09
N SER B 21 -4.87 -1.34 25.60
CA SER B 21 -3.96 -1.24 26.73
C SER B 21 -2.55 -0.97 26.25
N ARG B 22 -1.73 -0.41 27.13
CA ARG B 22 -0.32 -0.25 26.84
C ARG B 22 0.30 -1.62 26.59
N PRO B 23 1.09 -1.80 25.54
CA PRO B 23 1.58 -3.13 25.20
C PRO B 23 2.32 -3.80 26.36
N GLY B 24 2.09 -5.10 26.52
CA GLY B 24 2.71 -5.90 27.57
C GLY B 24 1.72 -6.66 28.42
N LYS B 25 0.47 -6.18 28.48
CA LYS B 25 -0.53 -6.84 29.31
C LYS B 25 -0.85 -8.22 28.76
N ASN B 26 -0.80 -9.23 29.63
CA ASN B 26 -0.95 -10.61 29.23
C ASN B 26 -2.41 -11.03 29.18
N VAL B 27 -2.68 -12.06 28.37
CA VAL B 27 -3.95 -12.78 28.38
C VAL B 27 -3.63 -14.23 28.69
N GLN B 28 -4.04 -14.70 29.86
CA GLN B 28 -3.70 -16.03 30.34
C GLN B 28 -4.92 -16.93 30.16
N LEU B 29 -4.95 -17.67 29.05
CA LEU B 29 -5.97 -18.69 28.87
C LEU B 29 -5.63 -19.91 29.74
N THR B 30 -6.58 -20.83 29.82
CA THR B 30 -6.33 -22.04 30.59
C THR B 30 -5.55 -23.05 29.76
N GLU B 31 -4.93 -24.00 30.46
CA GLU B 31 -4.19 -25.06 29.80
C GLU B 31 -5.09 -25.84 28.83
N ASN B 32 -6.32 -26.13 29.26
CA ASN B 32 -7.23 -26.92 28.42
C ASN B 32 -7.74 -26.12 27.23
N GLU B 33 -7.93 -24.81 27.39
CA GLU B 33 -8.35 -23.98 26.27
C GLU B 33 -7.27 -23.96 25.18
N ILE B 34 -6.01 -23.86 25.58
CA ILE B 34 -4.92 -23.87 24.61
C ILE B 34 -4.77 -25.25 23.99
N ARG B 35 -4.93 -26.31 24.80
CA ARG B 35 -4.92 -27.66 24.25
C ARG B 35 -6.02 -27.84 23.20
N GLY B 36 -7.19 -27.27 23.45
CA GLY B 36 -8.26 -27.37 22.47
C GLY B 36 -7.99 -26.58 21.20
N LEU B 37 -7.39 -25.40 21.34
CA LEU B 37 -7.01 -24.62 20.16
C LEU B 37 -6.02 -25.38 19.30
N CYS B 38 -5.07 -26.07 19.92
CA CYS B 38 -4.08 -26.82 19.14
C CYS B 38 -4.70 -28.04 18.49
N LEU B 39 -5.56 -28.76 19.21
CA LEU B 39 -6.12 -29.99 18.67
C LEU B 39 -7.11 -29.71 17.54
N LYS B 40 -7.99 -28.73 17.73
CA LYS B 40 -9.01 -28.45 16.72
C LYS B 40 -8.39 -27.85 15.47
N SER B 41 -7.44 -26.92 15.63
CA SER B 41 -6.78 -26.35 14.46
C SER B 41 -5.90 -27.37 13.74
N ARG B 42 -5.33 -28.32 14.49
CA ARG B 42 -4.53 -29.37 13.87
C ARG B 42 -5.38 -30.21 12.91
N GLU B 43 -6.62 -30.51 13.31
CA GLU B 43 -7.52 -31.27 12.43
C GLU B 43 -7.78 -30.51 11.14
N ILE B 44 -7.97 -29.19 11.23
CA ILE B 44 -8.26 -28.40 10.05
C ILE B 44 -7.03 -28.31 9.14
N PHE B 45 -5.84 -28.20 9.74
CA PHE B 45 -4.62 -28.17 8.93
C PHE B 45 -4.46 -29.46 8.12
N LEU B 46 -4.71 -30.61 8.77
CA LEU B 46 -4.57 -31.90 8.08
C LEU B 46 -5.68 -32.12 7.06
N SER B 47 -6.89 -31.63 7.34
CA SER B 47 -7.99 -31.79 6.39
C SER B 47 -7.85 -30.90 5.18
N GLN B 48 -7.02 -29.85 5.26
CA GLN B 48 -6.75 -28.96 4.14
C GLN B 48 -5.42 -29.32 3.49
N PRO B 49 -5.24 -28.99 2.20
CA PRO B 49 -4.00 -29.40 1.52
C PRO B 49 -2.77 -28.75 2.12
N ILE B 50 -1.63 -29.42 1.95
CA ILE B 50 -0.36 -28.86 2.39
C ILE B 50 0.13 -27.79 1.43
N LEU B 51 -0.34 -27.79 0.19
CA LEU B 51 -0.09 -26.73 -0.77
C LEU B 51 -1.43 -26.04 -1.02
N LEU B 52 -1.65 -24.93 -0.31
CA LEU B 52 -2.96 -24.27 -0.35
C LEU B 52 -3.20 -23.62 -1.72
N GLU B 53 -4.46 -23.61 -2.12
CA GLU B 53 -4.90 -22.96 -3.36
C GLU B 53 -5.93 -21.89 -2.96
N LEU B 54 -5.51 -20.64 -2.95
CA LEU B 54 -6.31 -19.54 -2.44
C LEU B 54 -6.73 -18.61 -3.56
N GLU B 55 -7.77 -17.82 -3.27
CA GLU B 55 -8.34 -16.88 -4.24
C GLU B 55 -8.32 -15.47 -3.66
N ALA B 56 -7.96 -14.51 -4.50
CA ALA B 56 -7.98 -13.10 -4.11
C ALA B 56 -9.41 -12.58 -4.14
N PRO B 57 -9.69 -11.47 -3.41
CA PRO B 57 -8.77 -10.67 -2.61
C PRO B 57 -8.45 -11.26 -1.24
N LEU B 58 -7.27 -10.90 -0.72
CA LEU B 58 -6.84 -11.32 0.61
C LEU B 58 -5.66 -10.44 1.01
N LYS B 59 -5.37 -10.44 2.31
CA LYS B 59 -4.24 -9.73 2.87
C LYS B 59 -3.22 -10.72 3.40
N ILE B 60 -1.95 -10.47 3.11
CA ILE B 60 -0.85 -11.38 3.43
C ILE B 60 0.08 -10.68 4.40
N CYS B 61 0.43 -11.38 5.49
CA CYS B 61 1.30 -10.84 6.53
C CYS B 61 2.55 -11.70 6.66
N GLY B 62 3.64 -11.05 7.06
CA GLY B 62 4.92 -11.69 7.27
C GLY B 62 5.14 -12.03 8.73
N ASP B 63 6.42 -12.02 9.12
CA ASP B 63 6.80 -12.42 10.47
C ASP B 63 6.11 -11.57 11.53
N ILE B 64 5.62 -12.23 12.57
CA ILE B 64 5.05 -11.55 13.72
C ILE B 64 5.97 -11.66 14.94
N HIS B 65 6.49 -12.84 15.20
CA HIS B 65 7.44 -13.09 16.29
C HIS B 65 6.91 -12.55 17.61
N GLY B 66 5.71 -13.00 17.97
CA GLY B 66 5.15 -12.76 19.29
C GLY B 66 4.89 -11.32 19.67
N GLN B 67 4.92 -10.40 18.71
CA GLN B 67 4.58 -8.99 18.98
C GLN B 67 3.06 -8.86 18.88
N TYR B 68 2.40 -9.22 19.98
CA TYR B 68 0.96 -9.41 19.96
C TYR B 68 0.21 -8.10 19.70
N TYR B 69 0.65 -7.01 20.34
CA TYR B 69 -0.05 -5.75 20.16
C TYR B 69 0.17 -5.16 18.77
N ASP B 70 1.27 -5.51 18.10
CA ASP B 70 1.42 -5.15 16.70
C ASP B 70 0.52 -5.99 15.81
N LEU B 71 0.27 -7.25 16.19
CA LEU B 71 -0.69 -8.07 15.45
C LEU B 71 -2.09 -7.47 15.52
N LEU B 72 -2.49 -7.02 16.71
CA LEU B 72 -3.79 -6.36 16.84
C LEU B 72 -3.84 -5.08 16.01
N ARG B 73 -2.71 -4.39 15.88
CA ARG B 73 -2.66 -3.20 15.03
C ARG B 73 -2.87 -3.56 13.57
N LEU B 74 -2.33 -4.71 13.14
CA LEU B 74 -2.54 -5.15 11.76
C LEU B 74 -4.00 -5.44 11.48
N PHE B 75 -4.69 -6.09 12.43
CA PHE B 75 -6.11 -6.35 12.27
C PHE B 75 -6.93 -5.06 12.32
N GLU B 76 -6.47 -4.07 13.10
CA GLU B 76 -7.14 -2.77 13.08
C GLU B 76 -7.01 -2.10 11.73
N TYR B 77 -5.84 -2.22 11.09
CA TYR B 77 -5.64 -1.60 9.78
C TYR B 77 -6.43 -2.34 8.70
N GLY B 78 -6.28 -3.66 8.61
CA GLY B 78 -6.86 -4.43 7.54
C GLY B 78 -8.24 -5.00 7.81
N GLY B 79 -8.76 -4.86 9.03
CA GLY B 79 -10.04 -5.44 9.36
C GLY B 79 -9.91 -6.77 10.07
N PHE B 80 -10.46 -6.86 11.28
CA PHE B 80 -10.44 -8.11 12.02
C PHE B 80 -11.20 -9.17 11.24
N PRO B 81 -10.79 -10.44 11.33
CA PRO B 81 -11.54 -11.52 10.70
C PRO B 81 -12.98 -11.52 11.19
N PRO B 82 -13.95 -11.76 10.29
CA PRO B 82 -13.76 -12.15 8.90
C PRO B 82 -13.91 -11.02 7.87
N GLU B 83 -13.72 -9.76 8.27
CA GLU B 83 -13.89 -8.66 7.33
C GLU B 83 -12.90 -8.71 6.18
N SER B 84 -11.79 -9.42 6.34
CA SER B 84 -10.82 -9.62 5.27
C SER B 84 -10.26 -11.01 5.38
N ASN B 85 -9.97 -11.61 4.22
CA ASN B 85 -9.25 -12.87 4.19
C ASN B 85 -7.77 -12.65 4.49
N TYR B 86 -7.17 -13.61 5.17
CA TYR B 86 -5.80 -13.46 5.66
C TYR B 86 -4.97 -14.69 5.33
N LEU B 87 -3.71 -14.46 4.96
CA LEU B 87 -2.70 -15.49 4.83
C LEU B 87 -1.46 -15.03 5.57
N PHE B 88 -1.07 -15.77 6.60
CA PHE B 88 0.15 -15.49 7.34
C PHE B 88 1.24 -16.45 6.87
N LEU B 89 2.47 -15.94 6.77
CA LEU B 89 3.56 -16.67 6.17
C LEU B 89 4.46 -17.38 7.19
N GLY B 90 4.12 -17.33 8.46
CA GLY B 90 4.86 -18.07 9.48
C GLY B 90 5.61 -17.14 10.42
N ASP B 91 6.44 -17.77 11.26
CA ASP B 91 7.22 -17.09 12.30
C ASP B 91 6.30 -16.32 13.25
N TYR B 92 5.48 -17.08 13.97
CA TYR B 92 4.55 -16.50 14.93
C TYR B 92 5.14 -16.40 16.33
N VAL B 93 6.12 -17.23 16.66
CA VAL B 93 6.69 -17.26 18.00
C VAL B 93 8.16 -16.85 17.96
N ASP B 94 8.78 -16.79 19.14
CA ASP B 94 10.21 -16.52 19.35
C ASP B 94 10.55 -15.04 19.27
N ARG B 95 11.59 -14.65 20.02
CA ARG B 95 12.19 -13.31 20.01
C ARG B 95 11.25 -12.23 20.56
N GLY B 96 9.95 -12.37 20.36
CA GLY B 96 9.02 -11.42 20.91
C GLY B 96 8.65 -11.72 22.35
N LYS B 97 7.81 -10.84 22.91
CA LYS B 97 7.45 -10.93 24.31
C LYS B 97 6.16 -11.71 24.56
N GLN B 98 5.26 -11.79 23.59
CA GLN B 98 3.95 -12.42 23.78
C GLN B 98 3.67 -13.38 22.62
N SER B 99 4.50 -14.42 22.52
CA SER B 99 4.26 -15.44 21.49
C SER B 99 3.01 -16.26 21.81
N LEU B 100 2.69 -16.44 23.09
CA LEU B 100 1.54 -17.24 23.46
C LEU B 100 0.24 -16.58 23.02
N GLU B 101 0.09 -15.29 23.32
CA GLU B 101 -1.11 -14.58 22.88
C GLU B 101 -1.20 -14.54 21.36
N THR B 102 -0.06 -14.42 20.68
CA THR B 102 -0.05 -14.31 19.23
C THR B 102 -0.56 -15.59 18.57
N ILE B 103 0.04 -16.73 18.92
CA ILE B 103 -0.34 -17.98 18.26
C ILE B 103 -1.76 -18.40 18.66
N CYS B 104 -2.18 -18.08 19.88
CA CYS B 104 -3.52 -18.49 20.32
C CYS B 104 -4.61 -17.75 19.55
N LEU B 105 -4.42 -16.46 19.29
CA LEU B 105 -5.42 -15.71 18.52
C LEU B 105 -5.44 -16.17 17.07
N LEU B 106 -4.26 -16.46 16.49
CA LEU B 106 -4.22 -16.93 15.12
C LEU B 106 -4.85 -18.32 14.99
N LEU B 107 -4.60 -19.20 15.96
CA LEU B 107 -5.25 -20.51 15.93
C LEU B 107 -6.75 -20.39 16.14
N ALA B 108 -7.18 -19.47 17.02
CA ALA B 108 -8.61 -19.28 17.25
C ALA B 108 -9.31 -18.80 15.99
N TYR B 109 -8.70 -17.85 15.27
CA TYR B 109 -9.29 -17.38 14.03
C TYR B 109 -9.26 -18.46 12.95
N LYS B 110 -8.26 -19.33 12.98
CA LYS B 110 -8.21 -20.44 12.02
C LYS B 110 -9.36 -21.41 12.24
N ILE B 111 -9.73 -21.65 13.51
CA ILE B 111 -10.84 -22.53 13.80
C ILE B 111 -12.16 -21.86 13.47
N LYS B 112 -12.26 -20.55 13.73
CA LYS B 112 -13.53 -19.85 13.55
C LYS B 112 -13.86 -19.62 12.08
N TYR B 113 -12.86 -19.25 11.28
CA TYR B 113 -13.04 -19.00 9.85
C TYR B 113 -12.05 -19.85 9.06
N PRO B 114 -12.27 -21.18 9.03
CA PRO B 114 -11.28 -22.06 8.41
C PRO B 114 -11.14 -21.89 6.91
N GLU B 115 -12.14 -21.32 6.24
CA GLU B 115 -12.09 -21.13 4.78
C GLU B 115 -11.73 -19.72 4.39
N ASN B 116 -11.49 -18.82 5.36
CA ASN B 116 -11.13 -17.44 5.07
C ASN B 116 -9.89 -16.99 5.83
N PHE B 117 -9.20 -17.91 6.51
CA PHE B 117 -8.06 -17.58 7.34
C PHE B 117 -7.04 -18.71 7.21
N PHE B 118 -5.78 -18.35 6.91
CA PHE B 118 -4.79 -19.36 6.59
C PHE B 118 -3.45 -18.99 7.19
N LEU B 119 -2.74 -20.01 7.69
CA LEU B 119 -1.44 -19.85 8.34
C LEU B 119 -0.46 -20.82 7.71
N LEU B 120 0.71 -20.29 7.32
CA LEU B 120 1.79 -21.12 6.80
C LEU B 120 2.82 -21.38 7.89
N ARG B 121 3.71 -22.34 7.62
CA ARG B 121 4.74 -22.73 8.57
C ARG B 121 6.02 -21.97 8.28
N GLY B 122 6.60 -21.37 9.33
CA GLY B 122 7.90 -20.75 9.24
C GLY B 122 8.97 -21.62 9.88
N ASN B 123 10.22 -21.14 9.78
CA ASN B 123 11.33 -21.88 10.36
C ASN B 123 11.31 -21.86 11.88
N HIS B 124 10.59 -20.92 12.49
CA HIS B 124 10.45 -20.89 13.94
C HIS B 124 9.27 -21.72 14.43
N GLU B 125 8.46 -22.28 13.54
CA GLU B 125 7.48 -23.30 13.89
C GLU B 125 8.08 -24.69 13.85
N CYS B 126 9.35 -24.80 14.23
CA CYS B 126 10.03 -26.07 14.38
C CYS B 126 10.52 -26.19 15.82
N ALA B 127 10.41 -27.40 16.37
CA ALA B 127 10.73 -27.60 17.78
C ALA B 127 12.17 -27.22 18.09
N SER B 128 13.11 -27.59 17.21
CA SER B 128 14.52 -27.31 17.48
C SER B 128 14.80 -25.82 17.57
N ILE B 129 14.07 -25.01 16.82
CA ILE B 129 14.33 -23.56 16.81
C ILE B 129 13.66 -22.88 17.99
N ASN B 130 12.33 -23.07 18.13
CA ASN B 130 11.61 -22.39 19.21
C ASN B 130 11.90 -22.99 20.58
N ARG B 131 12.69 -24.07 20.66
CA ARG B 131 13.14 -24.55 21.96
CA ARG B 131 13.14 -24.54 21.96
C ARG B 131 14.15 -23.58 22.58
N ILE B 132 14.92 -22.88 21.75
CA ILE B 132 16.04 -22.05 22.22
C ILE B 132 15.88 -20.57 21.89
N TYR B 133 14.90 -20.17 21.08
CA TYR B 133 14.74 -18.77 20.71
C TYR B 133 13.57 -18.11 21.40
N GLY B 134 13.04 -18.72 22.46
CA GLY B 134 12.06 -18.05 23.29
C GLY B 134 10.78 -18.80 23.62
N PHE B 135 10.18 -19.47 22.64
CA PHE B 135 8.84 -20.02 22.82
C PHE B 135 8.82 -21.11 23.90
N TYR B 136 9.89 -21.90 24.00
CA TYR B 136 9.94 -22.96 25.00
C TYR B 136 9.93 -22.39 26.41
N ASP B 137 10.77 -21.39 26.66
CA ASP B 137 10.82 -20.78 27.98
C ASP B 137 9.51 -20.09 28.33
N GLU B 138 8.82 -19.53 27.33
CA GLU B 138 7.53 -18.90 27.58
C GLU B 138 6.50 -19.93 28.05
N CYS B 139 6.48 -21.11 27.40
CA CYS B 139 5.58 -22.17 27.83
C CYS B 139 5.94 -22.70 29.21
N LYS B 140 7.23 -22.86 29.48
CA LYS B 140 7.67 -23.40 30.75
C LYS B 140 7.31 -22.46 31.90
N ARG B 141 7.40 -21.15 31.68
CA ARG B 141 7.18 -20.19 32.76
C ARG B 141 5.69 -19.95 33.01
N ARG B 142 4.89 -19.79 31.95
CA ARG B 142 3.49 -19.43 32.10
C ARG B 142 2.57 -20.63 32.11
N TYR B 143 3.03 -21.80 31.65
CA TYR B 143 2.22 -23.01 31.68
C TYR B 143 3.08 -24.19 32.11
N ASN B 144 3.31 -25.14 31.20
CA ASN B 144 4.22 -26.24 31.47
C ASN B 144 4.82 -26.72 30.16
N ILE B 145 5.89 -27.51 30.27
CA ILE B 145 6.62 -27.96 29.08
C ILE B 145 5.76 -28.89 28.23
N LYS B 146 4.83 -29.61 28.86
CA LYS B 146 3.94 -30.48 28.10
C LYS B 146 3.13 -29.69 27.09
N LEU B 147 2.70 -28.47 27.45
CA LEU B 147 1.96 -27.65 26.51
C LEU B 147 2.81 -27.24 25.31
N TRP B 148 4.11 -27.06 25.52
CA TRP B 148 5.01 -26.78 24.40
C TRP B 148 5.02 -27.94 23.42
N LYS B 149 4.98 -29.17 23.93
CA LYS B 149 4.89 -30.34 23.06
C LYS B 149 3.56 -30.39 22.32
N THR B 150 2.47 -29.98 22.99
CA THR B 150 1.18 -29.87 22.30
C THR B 150 1.24 -28.86 21.17
N PHE B 151 1.91 -27.72 21.40
CA PHE B 151 2.15 -26.77 20.32
C PHE B 151 2.97 -27.40 19.20
N THR B 152 3.97 -28.20 19.56
CA THR B 152 4.85 -28.80 18.55
C THR B 152 4.08 -29.74 17.64
N ASP B 153 3.19 -30.56 18.21
CA ASP B 153 2.36 -31.43 17.39
C ASP B 153 1.45 -30.63 16.47
N CYS B 154 1.02 -29.45 16.92
CA CYS B 154 0.20 -28.58 16.08
C CYS B 154 1.02 -27.97 14.96
N PHE B 155 2.22 -27.47 15.29
CA PHE B 155 3.08 -26.86 14.27
C PHE B 155 3.46 -27.85 13.19
N ASN B 156 3.61 -29.14 13.55
CA ASN B 156 4.04 -30.14 12.59
C ASN B 156 3.00 -30.44 11.52
N CYS B 157 1.80 -29.87 11.64
CA CYS B 157 0.75 -30.08 10.66
C CYS B 157 0.45 -28.84 9.83
N LEU B 158 1.20 -27.75 10.02
CA LEU B 158 0.95 -26.53 9.29
C LEU B 158 1.25 -26.71 7.80
N PRO B 159 0.45 -26.13 6.91
CA PRO B 159 0.77 -26.17 5.49
C PRO B 159 2.06 -25.42 5.19
N ILE B 160 2.68 -25.77 4.06
CA ILE B 160 4.01 -25.31 3.74
C ILE B 160 3.99 -24.18 2.72
N ALA B 161 3.08 -24.23 1.75
CA ALA B 161 3.04 -23.21 0.71
C ALA B 161 1.61 -22.95 0.29
N ALA B 162 1.44 -21.89 -0.49
CA ALA B 162 0.13 -21.50 -1.01
C ALA B 162 0.32 -20.76 -2.31
N ILE B 163 -0.59 -21.01 -3.26
CA ILE B 163 -0.61 -20.30 -4.54
C ILE B 163 -1.94 -19.58 -4.65
N VAL B 164 -1.88 -18.27 -4.88
CA VAL B 164 -3.07 -17.42 -4.96
C VAL B 164 -3.44 -17.27 -6.44
N ASP B 165 -4.60 -17.85 -6.80
CA ASP B 165 -5.15 -17.72 -8.15
C ASP B 165 -4.14 -18.13 -9.22
N GLU B 166 -3.35 -19.16 -8.92
CA GLU B 166 -2.41 -19.78 -9.85
C GLU B 166 -1.31 -18.82 -10.32
N LYS B 167 -1.05 -17.74 -9.59
CA LYS B 167 -0.09 -16.75 -10.07
C LYS B 167 0.90 -16.29 -9.00
N ILE B 168 0.50 -16.34 -7.73
CA ILE B 168 1.36 -15.87 -6.64
C ILE B 168 1.73 -17.08 -5.79
N PHE B 169 3.01 -17.45 -5.82
CA PHE B 169 3.52 -18.56 -5.02
C PHE B 169 3.99 -18.03 -3.67
N CYS B 170 3.40 -18.55 -2.60
CA CYS B 170 3.68 -18.08 -1.24
C CYS B 170 4.31 -19.18 -0.41
N CYS B 171 5.41 -18.85 0.26
CA CYS B 171 6.05 -19.72 1.23
C CYS B 171 6.86 -18.83 2.17
N HIS B 172 7.30 -19.41 3.29
CA HIS B 172 7.97 -18.58 4.29
C HIS B 172 9.37 -18.19 3.84
N GLY B 173 10.21 -19.18 3.53
CA GLY B 173 11.59 -18.91 3.18
C GLY B 173 11.77 -18.50 1.73
N GLY B 174 11.84 -19.48 0.83
CA GLY B 174 12.02 -19.19 -0.57
C GLY B 174 12.07 -20.44 -1.42
N LEU B 175 12.77 -20.35 -2.56
CA LEU B 175 12.79 -21.44 -3.53
C LEU B 175 13.79 -22.52 -3.10
N SER B 176 13.74 -23.64 -3.81
CA SER B 176 14.58 -24.80 -3.54
C SER B 176 15.19 -25.32 -4.82
N PRO B 177 16.47 -25.74 -4.79
CA PRO B 177 17.04 -26.41 -5.96
C PRO B 177 16.40 -27.76 -6.24
N ASP B 178 15.73 -28.36 -5.26
CA ASP B 178 15.04 -29.63 -5.44
C ASP B 178 13.59 -29.45 -5.86
N LEU B 179 13.14 -28.21 -6.06
CA LEU B 179 11.75 -27.93 -6.43
C LEU B 179 11.65 -27.89 -7.95
N GLN B 180 11.19 -28.98 -8.55
CA GLN B 180 10.94 -29.05 -9.98
C GLN B 180 9.46 -29.10 -10.32
N SER B 181 8.64 -29.70 -9.47
CA SER B 181 7.20 -29.78 -9.68
C SER B 181 6.49 -29.42 -8.38
N MET B 182 5.32 -28.78 -8.51
CA MET B 182 4.48 -28.51 -7.35
C MET B 182 3.99 -29.79 -6.70
N GLU B 183 3.94 -30.89 -7.45
CA GLU B 183 3.53 -32.17 -6.88
C GLU B 183 4.49 -32.65 -5.80
N GLN B 184 5.75 -32.22 -5.87
CA GLN B 184 6.72 -32.58 -4.84
C GLN B 184 6.30 -32.06 -3.46
N ILE B 185 5.69 -30.88 -3.41
CA ILE B 185 5.23 -30.36 -2.13
C ILE B 185 3.94 -31.04 -1.71
N ARG B 186 3.05 -31.33 -2.66
CA ARG B 186 1.80 -32.01 -2.33
C ARG B 186 2.03 -33.41 -1.78
N ARG B 187 3.18 -34.02 -2.09
CA ARG B 187 3.49 -35.37 -1.60
C ARG B 187 4.05 -35.38 -0.19
N ILE B 188 4.36 -34.21 0.39
CA ILE B 188 4.88 -34.15 1.75
C ILE B 188 3.77 -34.53 2.71
N MET B 189 4.01 -35.57 3.51
CA MET B 189 3.01 -36.07 4.45
C MET B 189 3.15 -35.40 5.81
N ARG B 190 2.03 -35.29 6.51
CA ARG B 190 1.97 -34.65 7.82
C ARG B 190 1.30 -35.57 8.82
N PRO B 191 1.69 -35.49 10.11
CA PRO B 191 2.67 -34.58 10.69
C PRO B 191 4.10 -34.90 10.29
N THR B 192 4.96 -33.88 10.28
CA THR B 192 6.34 -34.07 9.88
C THR B 192 7.23 -33.07 10.60
N ASP B 193 8.44 -33.50 10.90
CA ASP B 193 9.46 -32.58 11.39
C ASP B 193 10.07 -31.82 10.21
N VAL B 194 10.88 -30.81 10.54
CA VAL B 194 11.58 -30.02 9.53
C VAL B 194 13.00 -30.54 9.44
N PRO B 195 13.41 -31.14 8.31
CA PRO B 195 14.79 -31.60 8.18
C PRO B 195 15.75 -30.44 8.09
N ASP B 196 17.03 -30.74 8.33
CA ASP B 196 18.07 -29.74 8.18
C ASP B 196 18.50 -29.53 6.74
N GLN B 197 18.05 -30.38 5.81
CA GLN B 197 18.36 -30.24 4.39
C GLN B 197 17.16 -30.72 3.59
N GLY B 198 17.07 -30.25 2.35
CA GLY B 198 16.10 -30.76 1.42
C GLY B 198 15.04 -29.73 1.04
N LEU B 199 14.05 -30.22 0.29
CA LEU B 199 12.99 -29.35 -0.23
C LEU B 199 12.22 -28.68 0.91
N LEU B 200 11.71 -29.48 1.85
CA LEU B 200 10.94 -28.92 2.96
C LEU B 200 11.78 -27.94 3.78
N CYS B 201 13.08 -28.21 3.90
CA CYS B 201 13.95 -27.29 4.63
C CYS B 201 14.14 -25.98 3.86
N ASP B 202 14.29 -26.06 2.54
CA ASP B 202 14.56 -24.85 1.76
C ASP B 202 13.36 -23.92 1.74
N LEU B 203 12.14 -24.47 1.62
CA LEU B 203 10.95 -23.64 1.56
C LEU B 203 10.76 -22.79 2.82
N LEU B 204 11.43 -23.14 3.91
CA LEU B 204 11.29 -22.44 5.17
C LEU B 204 12.54 -21.65 5.57
N TRP B 205 13.61 -21.70 4.77
CA TRP B 205 14.89 -21.18 5.22
C TRP B 205 15.60 -20.29 4.20
N SER B 206 15.46 -20.59 2.91
CA SER B 206 16.29 -19.94 1.90
C SER B 206 15.95 -18.45 1.78
N ASP B 207 16.89 -17.71 1.20
CA ASP B 207 16.80 -16.26 1.06
C ASP B 207 17.23 -15.85 -0.33
N PRO B 208 16.68 -14.75 -0.85
CA PRO B 208 17.21 -14.17 -2.09
C PRO B 208 18.37 -13.23 -1.80
N ASP B 209 19.32 -13.19 -2.74
CA ASP B 209 20.50 -12.35 -2.60
C ASP B 209 20.80 -11.70 -3.94
N LYS B 210 21.04 -10.39 -3.93
CA LYS B 210 21.36 -9.67 -5.15
C LYS B 210 22.78 -9.95 -5.63
N ASP B 211 23.65 -10.44 -4.75
CA ASP B 211 25.06 -10.65 -5.07
C ASP B 211 25.41 -12.10 -5.33
N VAL B 212 24.44 -12.93 -5.70
CA VAL B 212 24.70 -14.33 -6.00
C VAL B 212 24.07 -14.69 -7.34
N GLN B 213 24.79 -15.49 -8.11
CA GLN B 213 24.30 -16.00 -9.38
C GLN B 213 24.02 -17.49 -9.23
N GLY B 214 22.80 -17.89 -9.54
CA GLY B 214 22.42 -19.28 -9.31
C GLY B 214 22.17 -19.52 -7.84
N TRP B 215 22.75 -20.61 -7.33
CA TRP B 215 22.58 -21.01 -5.93
C TRP B 215 23.88 -20.77 -5.17
N GLY B 216 23.78 -20.17 -3.99
CA GLY B 216 24.94 -19.91 -3.16
C GLY B 216 24.75 -20.32 -1.72
N GLU B 217 25.71 -19.95 -0.86
CA GLU B 217 25.66 -20.31 0.55
C GLU B 217 24.88 -19.26 1.34
N ASN B 218 24.13 -19.73 2.34
CA ASN B 218 23.27 -18.88 3.15
C ASN B 218 23.96 -18.54 4.46
N ASP B 219 23.90 -17.26 4.86
CA ASP B 219 24.56 -16.80 6.07
C ASP B 219 23.91 -17.35 7.34
N ARG B 220 22.74 -17.98 7.24
CA ARG B 220 22.06 -18.52 8.41
C ARG B 220 22.66 -19.84 8.88
N GLY B 221 23.43 -20.52 8.04
CA GLY B 221 23.89 -21.85 8.34
C GLY B 221 23.00 -22.97 7.84
N VAL B 222 21.91 -22.63 7.13
CA VAL B 222 21.00 -23.63 6.57
C VAL B 222 20.61 -23.20 5.17
N SER B 223 20.28 -24.18 4.34
CA SER B 223 19.69 -23.96 3.02
C SER B 223 20.65 -23.14 2.14
N PHE B 224 20.10 -22.32 1.24
CA PHE B 224 20.90 -21.60 0.26
C PHE B 224 20.40 -20.18 0.11
N THR B 225 21.13 -19.41 -0.68
CA THR B 225 20.66 -18.17 -1.28
C THR B 225 20.50 -18.39 -2.78
N PHE B 226 19.56 -17.67 -3.39
CA PHE B 226 19.31 -17.79 -4.82
C PHE B 226 19.26 -16.39 -5.45
N GLY B 227 19.54 -16.35 -6.75
CA GLY B 227 19.64 -15.10 -7.48
C GLY B 227 18.38 -14.77 -8.28
N ALA B 228 18.47 -13.65 -9.00
CA ALA B 228 17.29 -13.13 -9.67
C ALA B 228 16.87 -14.00 -10.85
N GLU B 229 17.85 -14.60 -11.54
CA GLU B 229 17.52 -15.43 -12.71
C GLU B 229 16.89 -16.75 -12.30
N VAL B 230 17.21 -17.24 -11.10
CA VAL B 230 16.50 -18.42 -10.59
C VAL B 230 15.03 -18.09 -10.37
N VAL B 231 14.75 -16.88 -9.88
CA VAL B 231 13.36 -16.45 -9.73
C VAL B 231 12.68 -16.34 -11.09
N ALA B 232 13.37 -15.72 -12.06
CA ALA B 232 12.78 -15.52 -13.39
C ALA B 232 12.50 -16.85 -14.07
N LYS B 233 13.43 -17.81 -13.96
CA LYS B 233 13.20 -19.12 -14.56
C LYS B 233 12.01 -19.82 -13.90
N PHE B 234 11.91 -19.74 -12.58
CA PHE B 234 10.84 -20.44 -11.86
C PHE B 234 9.47 -19.86 -12.22
N LEU B 235 9.37 -18.54 -12.33
CA LEU B 235 8.09 -17.92 -12.66
C LEU B 235 7.64 -18.31 -14.06
N HIS B 236 8.53 -18.22 -15.05
CA HIS B 236 8.19 -18.60 -16.42
C HIS B 236 7.84 -20.08 -16.50
N LYS B 237 8.66 -20.93 -15.86
CA LYS B 237 8.44 -22.37 -15.96
C LYS B 237 7.07 -22.78 -15.44
N HIS B 238 6.66 -22.23 -14.30
CA HIS B 238 5.40 -22.60 -13.67
C HIS B 238 4.27 -21.62 -13.97
N ASP B 239 4.46 -20.72 -14.93
CA ASP B 239 3.42 -19.76 -15.35
C ASP B 239 2.94 -18.93 -14.17
N LEU B 240 3.88 -18.45 -13.37
CA LEU B 240 3.58 -17.62 -12.20
C LEU B 240 3.97 -16.18 -12.47
N ASP B 241 3.43 -15.28 -11.64
CA ASP B 241 3.72 -13.85 -11.74
C ASP B 241 4.57 -13.31 -10.61
N LEU B 242 4.49 -13.90 -9.41
CA LEU B 242 5.11 -13.30 -8.24
C LEU B 242 5.40 -14.38 -7.21
N ILE B 243 6.51 -14.21 -6.49
CA ILE B 243 6.85 -15.03 -5.34
C ILE B 243 6.76 -14.14 -4.11
N CYS B 244 5.93 -14.56 -3.14
CA CYS B 244 5.72 -13.80 -1.92
C CYS B 244 6.27 -14.61 -0.75
N ARG B 245 7.20 -14.02 -0.01
CA ARG B 245 7.86 -14.70 1.10
C ARG B 245 8.09 -13.72 2.23
N ALA B 246 8.71 -14.21 3.31
CA ALA B 246 8.98 -13.41 4.50
C ALA B 246 10.43 -13.59 4.95
N HIS B 247 10.62 -14.03 6.20
CA HIS B 247 11.88 -14.59 6.70
C HIS B 247 12.95 -13.56 7.00
N GLN B 248 12.99 -12.45 6.27
CA GLN B 248 14.03 -11.44 6.44
C GLN B 248 13.42 -10.11 6.88
N VAL B 249 13.99 -9.52 7.94
CA VAL B 249 13.56 -8.19 8.36
C VAL B 249 14.00 -7.18 7.32
N VAL B 250 13.09 -6.29 6.94
CA VAL B 250 13.37 -5.25 5.95
C VAL B 250 12.91 -3.91 6.50
N GLU B 251 13.63 -2.86 6.12
CA GLU B 251 13.44 -1.54 6.74
C GLU B 251 12.05 -1.00 6.48
N ASP B 252 11.54 -1.16 5.26
CA ASP B 252 10.24 -0.62 4.89
C ASP B 252 9.08 -1.56 5.17
N GLY B 253 9.34 -2.70 5.82
CA GLY B 253 8.35 -3.74 6.01
C GLY B 253 8.13 -4.62 4.80
N TYR B 254 8.38 -4.10 3.60
CA TYR B 254 8.31 -4.88 2.37
C TYR B 254 9.49 -4.50 1.49
N GLU B 255 9.90 -5.44 0.63
CA GLU B 255 11.04 -5.19 -0.23
C GLU B 255 10.92 -6.07 -1.47
N PHE B 256 10.94 -5.45 -2.65
CA PHE B 256 10.85 -6.20 -3.89
C PHE B 256 12.23 -6.70 -4.32
N PHE B 257 12.23 -7.66 -5.23
CA PHE B 257 13.45 -8.30 -5.67
C PHE B 257 13.27 -8.80 -7.09
N ALA B 258 14.33 -8.73 -7.89
CA ALA B 258 14.33 -9.22 -9.27
C ALA B 258 13.28 -8.51 -10.10
N LYS B 259 13.33 -7.18 -10.11
CA LYS B 259 12.40 -6.35 -10.89
C LYS B 259 10.94 -6.66 -10.52
N ARG B 260 10.66 -6.62 -9.22
CA ARG B 260 9.31 -6.83 -8.68
C ARG B 260 8.75 -8.21 -9.01
N GLN B 261 9.64 -9.18 -9.22
CA GLN B 261 9.21 -10.57 -9.40
C GLN B 261 9.10 -11.35 -8.10
N LEU B 262 9.74 -10.87 -7.04
CA LEU B 262 9.63 -11.44 -5.71
C LEU B 262 9.52 -10.32 -4.70
N VAL B 263 8.72 -10.54 -3.65
CA VAL B 263 8.53 -9.55 -2.59
C VAL B 263 8.75 -10.23 -1.24
N THR B 264 9.37 -9.51 -0.32
CA THR B 264 9.59 -9.96 1.05
C THR B 264 8.69 -9.18 1.98
N LEU B 265 7.94 -9.88 2.82
CA LEU B 265 7.02 -9.25 3.77
C LEU B 265 7.51 -9.50 5.20
N PHE B 266 7.57 -8.43 5.99
CA PHE B 266 7.93 -8.52 7.40
C PHE B 266 6.99 -7.61 8.18
N SER B 267 6.20 -8.20 9.08
CA SER B 267 5.08 -7.50 9.70
C SER B 267 5.34 -7.12 11.15
N ALA B 268 6.56 -7.29 11.64
CA ALA B 268 6.88 -6.96 13.02
C ALA B 268 7.71 -5.67 13.07
N PRO B 269 7.10 -4.53 13.36
CA PRO B 269 7.87 -3.27 13.39
C PRO B 269 8.77 -3.19 14.61
N ASN B 270 9.86 -2.45 14.47
CA ASN B 270 10.85 -2.29 15.53
C ASN B 270 11.31 -3.66 16.06
N TYR B 271 11.77 -4.50 15.13
CA TYR B 271 12.08 -5.88 15.42
C TYR B 271 13.20 -5.99 16.47
N CYS B 272 12.92 -6.74 17.53
CA CYS B 272 13.86 -6.99 18.64
C CYS B 272 14.25 -5.72 19.38
N GLY B 273 13.46 -4.65 19.22
CA GLY B 273 13.82 -3.36 19.76
C GLY B 273 15.11 -2.76 19.23
N GLU B 274 15.85 -3.50 18.39
CA GLU B 274 17.10 -2.99 17.83
C GLU B 274 16.88 -2.33 16.47
N PHE B 275 16.25 -3.05 15.55
CA PHE B 275 16.00 -2.51 14.22
C PHE B 275 14.96 -1.40 14.25
N ASP B 276 15.05 -0.49 13.30
CA ASP B 276 14.10 0.61 13.13
C ASP B 276 13.12 0.35 12.00
N ASN B 277 12.78 -0.90 11.76
CA ASN B 277 12.02 -1.30 10.59
C ASN B 277 10.52 -1.05 10.79
N ALA B 278 9.82 -0.91 9.68
CA ALA B 278 8.38 -0.88 9.67
C ALA B 278 7.84 -2.29 9.46
N GLY B 279 6.54 -2.46 9.71
CA GLY B 279 5.84 -3.69 9.43
C GLY B 279 4.87 -3.47 8.29
N ALA B 280 4.81 -4.41 7.36
CA ALA B 280 3.99 -4.27 6.16
C ALA B 280 3.02 -5.44 6.04
N MET B 281 1.83 -5.13 5.55
CA MET B 281 0.82 -6.12 5.21
C MET B 281 0.39 -5.85 3.77
N MET B 282 0.48 -6.88 2.93
CA MET B 282 0.22 -6.71 1.50
C MET B 282 -1.24 -6.99 1.17
N SER B 283 -1.89 -6.03 0.52
CA SER B 283 -3.26 -6.19 0.06
CA SER B 283 -3.26 -6.19 0.06
C SER B 283 -3.24 -6.64 -1.39
N VAL B 284 -3.84 -7.79 -1.66
CA VAL B 284 -3.97 -8.34 -3.01
C VAL B 284 -5.43 -8.23 -3.39
N ASP B 285 -5.73 -7.47 -4.45
CA ASP B 285 -7.11 -7.32 -4.88
C ASP B 285 -7.47 -8.43 -5.88
N GLU B 286 -8.69 -8.38 -6.40
CA GLU B 286 -9.18 -9.45 -7.28
C GLU B 286 -8.35 -9.57 -8.55
N THR B 287 -7.75 -8.47 -9.00
CA THR B 287 -6.89 -8.49 -10.18
C THR B 287 -5.48 -8.97 -9.89
N LEU B 288 -5.20 -9.37 -8.66
CA LEU B 288 -3.87 -9.76 -8.17
C LEU B 288 -2.90 -8.59 -8.14
N MET B 289 -3.42 -7.35 -8.16
CA MET B 289 -2.60 -6.17 -7.95
C MET B 289 -2.30 -6.01 -6.47
N CYS B 290 -1.06 -5.64 -6.15
CA CYS B 290 -0.57 -5.62 -4.78
C CYS B 290 -0.39 -4.18 -4.30
N SER B 291 -0.93 -3.89 -3.13
CA SER B 291 -0.70 -2.64 -2.41
C SER B 291 -0.37 -2.97 -0.97
N PHE B 292 -0.03 -1.94 -0.19
CA PHE B 292 0.53 -2.17 1.13
C PHE B 292 -0.09 -1.25 2.18
N GLN B 293 -0.31 -1.82 3.37
CA GLN B 293 -0.60 -1.07 4.58
C GLN B 293 0.56 -1.27 5.55
N ILE B 294 1.05 -0.18 6.13
CA ILE B 294 2.34 -0.17 6.81
C ILE B 294 2.16 0.28 8.26
N LEU B 295 2.77 -0.46 9.18
CA LEU B 295 2.95 -0.01 10.56
C LEU B 295 4.30 0.67 10.63
N LYS B 296 4.29 2.01 10.65
CA LYS B 296 5.53 2.76 10.64
C LYS B 296 6.28 2.60 11.97
N PRO B 297 7.61 2.65 11.95
CA PRO B 297 8.38 2.46 13.18
C PRO B 297 8.24 3.66 14.12
N ALA B 298 8.55 3.41 15.38
CA ALA B 298 8.44 4.44 16.42
C ALA B 298 9.41 5.60 16.15
#